data_3RBW
#
_entry.id   3RBW
#
_cell.length_a   73.328
_cell.length_b   66.265
_cell.length_c   100.852
_cell.angle_alpha   90.00
_cell.angle_beta   103.00
_cell.angle_gamma   90.00
#
_symmetry.space_group_name_H-M   'P 1 21 1'
#
loop_
_entity.id
_entity.type
_entity.pdbx_description
1 polymer 'Protein spire homolog 1'
2 water water
#
_entity_poly.entity_id   1
_entity_poly.type   'polypeptide(L)'
_entity_poly.pdbx_seq_one_letter_code
;GSGEGPREPGAAGGAAGGSRDALSLEEILRLYNQPINEEQAWAVCYQCCGSLRAAARRRQPRHRVRSAAQIRVWRDGAVT
LAPAADDAGEPPPVAGKLGYSQCMETEVIESLGIIIYKALDYGLKENEERELSPPLEQLIDHMANTVEADGSNDEGYEAA
EEGLGDEDEKRKISAIRSYRDVMKLCAAHLPTESDAPNHYQAVCRALFAETMELHTFLTK
;
_entity_poly.pdbx_strand_id   A,B,C,D
#
# COMPACT_ATOMS: atom_id res chain seq x y z
N ASP A 21 23.59 -1.28 -21.09
CA ASP A 21 24.45 -1.91 -22.16
C ASP A 21 24.27 -3.44 -22.44
N ALA A 22 23.57 -4.12 -21.54
CA ALA A 22 23.16 -5.51 -21.63
C ALA A 22 21.90 -5.70 -20.77
N LEU A 23 20.86 -6.27 -21.35
CA LEU A 23 19.62 -6.51 -20.62
C LEU A 23 19.56 -7.98 -20.38
N SER A 24 19.28 -8.37 -19.13
CA SER A 24 19.01 -9.79 -18.83
C SER A 24 17.69 -10.21 -19.50
N LEU A 25 17.58 -11.46 -19.91
CA LEU A 25 16.40 -11.85 -20.62
C LEU A 25 15.17 -11.66 -19.73
N GLU A 26 15.37 -11.76 -18.43
CA GLU A 26 14.27 -11.59 -17.49
C GLU A 26 13.74 -10.15 -17.43
N GLU A 27 14.62 -9.16 -17.59
CA GLU A 27 14.21 -7.75 -17.70
C GLU A 27 13.38 -7.56 -18.95
N ILE A 28 13.86 -8.11 -20.07
CA ILE A 28 13.13 -8.06 -21.32
C ILE A 28 11.75 -8.73 -21.19
N LEU A 29 11.68 -9.83 -20.49
CA LEU A 29 10.39 -10.47 -20.30
C LEU A 29 9.45 -9.66 -19.40
N ARG A 30 9.98 -8.94 -18.42
CA ARG A 30 9.15 -8.12 -17.56
C ARG A 30 8.65 -6.87 -18.26
N LEU A 31 9.51 -6.17 -19.01
CA LEU A 31 9.12 -4.92 -19.70
C LEU A 31 8.01 -5.15 -20.74
N TYR A 32 8.22 -6.08 -21.65
CA TYR A 32 7.17 -6.51 -22.59
C TYR A 32 6.03 -7.23 -21.90
N ASN A 33 6.24 -7.67 -20.66
CA ASN A 33 5.31 -8.55 -19.99
C ASN A 33 4.58 -9.46 -20.99
N GLN A 34 5.35 -10.12 -21.85
CA GLN A 34 4.85 -11.17 -22.74
C GLN A 34 5.98 -12.10 -23.17
N PRO A 35 5.66 -13.23 -23.86
CA PRO A 35 6.77 -14.13 -24.21
C PRO A 35 7.54 -13.63 -25.40
N ILE A 36 8.80 -14.06 -25.50
CA ILE A 36 9.60 -13.92 -26.72
C ILE A 36 8.91 -14.66 -27.87
N ASN A 37 9.18 -14.26 -29.10
CA ASN A 37 8.59 -15.00 -30.21
C ASN A 37 9.52 -16.11 -30.61
N GLU A 38 9.02 -17.00 -31.45
CA GLU A 38 9.77 -18.15 -31.88
C GLU A 38 11.17 -17.79 -32.30
N GLU A 39 11.27 -16.85 -33.25
CA GLU A 39 12.56 -16.46 -33.79
C GLU A 39 13.53 -16.06 -32.70
N GLN A 40 13.12 -15.11 -31.87
CA GLN A 40 13.93 -14.78 -30.70
C GLN A 40 14.50 -15.99 -29.89
N ALA A 41 13.68 -17.02 -29.66
CA ALA A 41 14.19 -18.28 -29.11
C ALA A 41 15.31 -18.81 -30.00
N TRP A 42 15.01 -19.08 -31.27
CA TRP A 42 16.04 -19.59 -32.16
C TRP A 42 17.31 -18.79 -32.02
N ALA A 43 17.22 -17.46 -32.10
CA ALA A 43 18.37 -16.53 -31.85
C ALA A 43 19.10 -16.78 -30.53
N VAL A 44 18.47 -16.43 -29.41
CA VAL A 44 19.05 -16.66 -28.10
C VAL A 44 19.74 -18.03 -27.99
N CYS A 45 19.11 -19.06 -28.52
CA CYS A 45 19.75 -20.36 -28.58
C CYS A 45 21.05 -20.39 -29.34
N TYR A 46 21.07 -19.75 -30.47
CA TYR A 46 22.21 -19.83 -31.33
C TYR A 46 23.25 -18.96 -30.71
N GLN A 47 22.99 -17.63 -30.70
CA GLN A 47 23.83 -16.65 -29.96
C GLN A 47 24.41 -17.24 -28.72
N CYS A 48 23.55 -17.75 -27.85
CA CYS A 48 24.01 -18.25 -26.57
C CYS A 48 24.98 -19.43 -26.61
N CYS A 49 24.71 -20.47 -27.38
CA CYS A 49 25.68 -21.56 -27.42
C CYS A 49 26.95 -21.07 -28.03
N GLY A 50 26.82 -20.24 -29.04
CA GLY A 50 27.97 -19.66 -29.70
C GLY A 50 28.88 -19.01 -28.69
N SER A 51 28.30 -18.57 -27.58
CA SER A 51 29.09 -17.96 -26.57
C SER A 51 29.63 -19.00 -25.66
N LEU A 52 28.84 -20.04 -25.41
CA LEU A 52 29.30 -21.12 -24.55
C LEU A 52 30.41 -21.91 -25.22
N ARG A 53 30.30 -22.09 -26.51
CA ARG A 53 31.24 -22.87 -27.29
C ARG A 53 32.55 -22.20 -27.22
N ALA A 54 32.52 -20.87 -27.20
CA ALA A 54 33.72 -20.08 -27.23
C ALA A 54 34.28 -19.82 -25.83
N ALA A 55 33.56 -20.24 -24.80
CA ALA A 55 34.02 -20.12 -23.43
C ALA A 55 34.62 -21.44 -22.99
N ALA A 56 34.16 -22.53 -23.57
CA ALA A 56 34.73 -23.82 -23.24
C ALA A 56 36.03 -23.98 -24.00
N ARG A 57 36.23 -23.11 -24.99
CA ARG A 57 37.41 -23.13 -25.85
C ARG A 57 38.55 -22.41 -25.15
N ARG A 58 38.19 -21.70 -24.08
CA ARG A 58 39.15 -21.04 -23.24
C ARG A 58 39.16 -21.80 -21.91
N ARG A 59 38.41 -22.90 -21.88
CA ARG A 59 38.31 -23.80 -20.71
C ARG A 59 37.77 -23.09 -19.46
N GLN A 60 36.54 -22.61 -19.54
CA GLN A 60 35.91 -21.85 -18.46
C GLN A 60 34.90 -22.71 -17.70
N PRO A 61 34.83 -22.55 -16.36
CA PRO A 61 33.90 -23.30 -15.54
C PRO A 61 32.50 -23.26 -16.12
N ARG A 62 31.87 -24.42 -16.24
CA ARG A 62 30.54 -24.57 -16.83
C ARG A 62 29.45 -24.22 -15.83
N HIS A 63 28.55 -23.33 -16.23
CA HIS A 63 27.48 -22.86 -15.36
C HIS A 63 26.17 -23.35 -15.89
N ARG A 64 25.28 -23.71 -14.97
CA ARG A 64 23.96 -24.20 -15.30
C ARG A 64 23.02 -23.00 -15.53
N VAL A 65 22.06 -23.11 -16.44
CA VAL A 65 21.11 -22.01 -16.65
C VAL A 65 19.91 -22.14 -15.70
N ARG A 66 20.01 -21.46 -14.56
CA ARG A 66 19.04 -21.53 -13.44
C ARG A 66 17.74 -20.77 -13.72
N SER A 67 17.89 -19.49 -14.06
CA SER A 67 16.75 -18.67 -14.40
C SER A 67 17.16 -17.66 -15.47
N ALA A 68 16.16 -17.05 -16.11
CA ALA A 68 16.39 -16.19 -17.25
C ALA A 68 17.09 -14.92 -16.90
N ALA A 69 17.47 -14.80 -15.64
CA ALA A 69 18.26 -13.67 -15.19
C ALA A 69 19.69 -13.74 -15.72
N GLN A 70 20.21 -14.96 -15.88
CA GLN A 70 21.61 -15.22 -16.25
C GLN A 70 21.89 -15.00 -17.71
N ILE A 71 20.85 -14.92 -18.51
CA ILE A 71 21.03 -14.74 -19.95
C ILE A 71 21.20 -13.25 -20.30
N ARG A 72 22.43 -12.76 -20.25
CA ARG A 72 22.66 -11.38 -20.63
C ARG A 72 22.59 -11.26 -22.15
N VAL A 73 21.76 -10.31 -22.61
CA VAL A 73 21.66 -9.90 -24.02
C VAL A 73 22.37 -8.57 -24.22
N TRP A 74 23.28 -8.56 -25.18
CA TRP A 74 24.15 -7.47 -25.47
C TRP A 74 23.61 -6.46 -26.46
N ARG A 75 24.03 -5.20 -26.36
CA ARG A 75 23.78 -4.16 -27.39
C ARG A 75 24.24 -4.66 -28.76
N ASP A 76 25.49 -5.13 -28.82
CA ASP A 76 26.09 -5.56 -30.07
C ASP A 76 25.40 -6.77 -30.64
N GLY A 77 24.60 -7.44 -29.81
CA GLY A 77 23.76 -8.58 -30.25
C GLY A 77 24.36 -9.94 -29.95
N ALA A 78 25.07 -10.04 -28.83
CA ALA A 78 25.61 -11.30 -28.36
C ALA A 78 24.65 -11.83 -27.31
N VAL A 79 24.77 -13.10 -26.94
CA VAL A 79 24.01 -13.53 -25.79
C VAL A 79 24.96 -14.38 -25.05
N THR A 80 25.12 -14.07 -23.78
CA THR A 80 26.10 -14.73 -22.92
C THR A 80 25.40 -15.13 -21.63
N LEU A 81 25.69 -16.36 -21.18
CA LEU A 81 25.24 -16.85 -19.91
C LEU A 81 26.09 -16.32 -18.72
N ALA A 82 25.44 -15.70 -17.75
CA ALA A 82 26.13 -15.26 -16.53
C ALA A 82 26.22 -16.41 -15.53
N PRO A 83 27.09 -16.27 -14.49
CA PRO A 83 27.03 -17.20 -13.36
C PRO A 83 25.85 -16.87 -12.44
N ALA A 84 25.22 -17.89 -11.84
CA ALA A 84 23.99 -17.75 -11.05
C ALA A 84 24.19 -16.99 -9.72
N ALA A 85 23.12 -16.82 -8.95
CA ALA A 85 23.22 -16.31 -7.58
C ALA A 85 24.39 -16.98 -6.83
N ASP A 86 24.74 -18.20 -7.27
CA ASP A 86 25.89 -18.97 -6.78
C ASP A 86 26.97 -19.12 -7.88
N GLN A 102 30.26 -32.61 -10.05
CA GLN A 102 30.60 -31.75 -11.19
C GLN A 102 29.37 -31.32 -12.02
N CYS A 103 29.61 -31.03 -13.31
CA CYS A 103 28.57 -30.51 -14.22
C CYS A 103 29.05 -30.53 -15.67
N MET A 104 28.34 -31.28 -16.53
CA MET A 104 28.77 -31.52 -17.92
C MET A 104 27.99 -30.74 -18.96
N GLU A 105 28.58 -30.66 -20.15
CA GLU A 105 28.07 -29.84 -21.24
C GLU A 105 26.58 -30.07 -21.53
N THR A 106 26.19 -31.33 -21.73
CA THR A 106 24.81 -31.71 -22.04
C THR A 106 23.84 -31.08 -21.08
N GLU A 107 24.30 -30.93 -19.82
CA GLU A 107 23.52 -30.30 -18.75
C GLU A 107 23.26 -28.87 -19.06
N VAL A 108 24.29 -28.12 -19.45
CA VAL A 108 24.11 -26.69 -19.78
C VAL A 108 23.13 -26.52 -20.96
N ILE A 109 23.41 -27.18 -22.09
CA ILE A 109 22.41 -27.28 -23.16
C ILE A 109 20.96 -27.42 -22.64
N GLU A 110 20.73 -28.39 -21.74
CA GLU A 110 19.39 -28.69 -21.23
C GLU A 110 18.82 -27.53 -20.42
N SER A 111 19.62 -27.01 -19.50
CA SER A 111 19.14 -25.99 -18.60
C SER A 111 18.93 -24.74 -19.37
N LEU A 112 19.73 -24.54 -20.40
CA LEU A 112 19.41 -23.50 -21.33
C LEU A 112 18.04 -23.76 -22.05
N GLY A 113 17.84 -24.95 -22.62
CA GLY A 113 16.62 -25.20 -23.36
C GLY A 113 15.37 -24.90 -22.56
N ILE A 114 15.50 -25.12 -21.24
CA ILE A 114 14.41 -24.97 -20.29
C ILE A 114 14.03 -23.50 -20.09
N ILE A 115 15.03 -22.66 -19.81
CA ILE A 115 14.81 -21.23 -19.72
C ILE A 115 14.13 -20.78 -20.99
N ILE A 116 14.68 -21.19 -22.13
CA ILE A 116 14.11 -20.84 -23.42
C ILE A 116 12.64 -21.26 -23.49
N TYR A 117 12.32 -22.50 -23.13
CA TYR A 117 10.91 -22.86 -23.11
C TYR A 117 10.16 -21.86 -22.23
N LYS A 118 10.57 -21.78 -20.96
CA LYS A 118 9.92 -20.89 -19.99
C LYS A 118 9.73 -19.46 -20.50
N ALA A 119 10.76 -18.85 -21.11
CA ALA A 119 10.64 -17.56 -21.80
C ALA A 119 9.60 -17.55 -22.94
N LEU A 120 9.64 -18.56 -23.80
CA LEU A 120 8.65 -18.72 -24.88
C LEU A 120 7.26 -18.93 -24.36
N ASP A 121 7.18 -19.03 -23.04
CA ASP A 121 5.98 -19.38 -22.34
C ASP A 121 5.32 -18.21 -21.55
N TYR A 122 6.08 -17.16 -21.24
CA TYR A 122 5.65 -16.06 -20.35
C TYR A 122 4.15 -15.74 -20.28
N GLY A 123 3.59 -15.77 -19.07
CA GLY A 123 2.24 -15.24 -18.85
C GLY A 123 1.07 -16.15 -19.18
N LEU A 124 1.37 -17.41 -19.49
CA LEU A 124 0.33 -18.41 -19.65
C LEU A 124 0.10 -19.11 -18.31
N LYS A 125 -1.10 -19.63 -18.10
CA LYS A 125 -1.44 -20.36 -16.88
C LYS A 125 -1.03 -21.83 -17.04
N GLU A 126 -1.54 -22.70 -16.18
CA GLU A 126 -1.15 -24.12 -16.20
C GLU A 126 -1.86 -24.89 -17.30
N ASN A 127 -3.17 -24.76 -17.31
CA ASN A 127 -4.05 -25.44 -18.27
C ASN A 127 -3.69 -25.24 -19.73
N GLU A 128 -2.99 -24.14 -20.01
CA GLU A 128 -2.64 -23.77 -21.38
C GLU A 128 -1.15 -23.90 -21.67
N GLU A 129 -0.83 -24.40 -22.86
CA GLU A 129 0.53 -24.33 -23.40
C GLU A 129 0.57 -23.88 -24.86
N ARG A 130 1.68 -23.26 -25.25
CA ARG A 130 1.81 -22.57 -26.53
C ARG A 130 2.00 -23.54 -27.70
N GLU A 131 1.32 -23.30 -28.82
CA GLU A 131 1.58 -24.09 -30.02
C GLU A 131 2.95 -23.70 -30.57
N LEU A 132 3.93 -24.57 -30.41
CA LEU A 132 5.28 -24.34 -30.93
C LEU A 132 5.43 -24.93 -32.32
N SER A 133 6.02 -24.15 -33.23
CA SER A 133 6.16 -24.58 -34.62
C SER A 133 7.11 -25.78 -34.59
N PRO A 134 6.67 -26.94 -35.14
CA PRO A 134 7.29 -28.26 -34.96
C PRO A 134 8.82 -28.30 -34.84
N PRO A 135 9.56 -27.73 -35.84
CA PRO A 135 11.04 -27.75 -35.75
C PRO A 135 11.57 -27.11 -34.48
N LEU A 136 10.78 -26.21 -33.87
CA LEU A 136 11.18 -25.59 -32.62
C LEU A 136 10.87 -26.51 -31.43
N GLU A 137 9.61 -26.90 -31.26
CA GLU A 137 9.28 -27.93 -30.28
C GLU A 137 10.40 -28.94 -30.28
N GLN A 138 10.66 -29.44 -31.48
CA GLN A 138 11.61 -30.49 -31.79
C GLN A 138 13.03 -30.14 -31.35
N LEU A 139 13.43 -28.88 -31.48
CA LEU A 139 14.71 -28.41 -30.93
C LEU A 139 14.82 -28.45 -29.37
N ILE A 140 13.88 -27.74 -28.73
CA ILE A 140 13.64 -27.69 -27.27
C ILE A 140 13.49 -29.08 -26.64
N ASP A 141 12.61 -29.89 -27.19
CA ASP A 141 12.48 -31.26 -26.76
C ASP A 141 13.85 -31.97 -26.77
N HIS A 142 14.70 -31.64 -27.74
CA HIS A 142 15.97 -32.33 -27.86
C HIS A 142 17.00 -31.84 -26.93
N MET A 143 17.08 -30.51 -26.76
CA MET A 143 17.95 -29.89 -25.73
C MET A 143 17.59 -30.33 -24.31
N ALA A 144 16.30 -30.48 -24.02
CA ALA A 144 15.89 -30.81 -22.67
C ALA A 144 15.49 -32.29 -22.38
N ASN A 145 15.54 -33.14 -23.39
CA ASN A 145 15.32 -34.58 -23.22
C ASN A 145 13.85 -34.91 -23.05
N THR A 146 13.08 -34.52 -24.04
CA THR A 146 11.64 -34.67 -23.97
C THR A 146 11.12 -35.17 -25.32
N VAL A 147 11.28 -36.47 -25.59
CA VAL A 147 11.09 -37.01 -26.95
C VAL A 147 10.42 -38.41 -27.02
N GLU A 148 9.65 -38.69 -28.09
CA GLU A 148 9.29 -40.08 -28.43
C GLU A 148 9.02 -40.36 -29.92
N ALA A 175 20.69 -36.79 -32.65
CA ALA A 175 21.01 -36.47 -31.23
C ALA A 175 21.75 -35.12 -30.97
N ILE A 176 21.85 -34.70 -29.71
CA ILE A 176 22.44 -33.37 -29.39
C ILE A 176 23.42 -33.32 -28.20
N ARG A 177 24.69 -33.69 -28.38
CA ARG A 177 25.57 -33.84 -27.23
C ARG A 177 26.55 -32.66 -26.91
N SER A 178 26.35 -31.53 -27.59
CA SER A 178 27.34 -30.47 -27.58
C SER A 178 26.82 -29.21 -28.16
N TYR A 179 27.26 -28.09 -27.63
CA TYR A 179 26.83 -26.80 -28.10
C TYR A 179 26.80 -26.73 -29.60
N ARG A 180 27.91 -27.11 -30.24
CA ARG A 180 28.00 -27.13 -31.69
C ARG A 180 26.70 -27.70 -32.29
N ASP A 181 26.35 -28.93 -31.90
CA ASP A 181 25.11 -29.59 -32.37
C ASP A 181 23.91 -28.64 -32.38
N VAL A 182 23.75 -27.89 -31.28
CA VAL A 182 22.64 -26.95 -31.11
C VAL A 182 22.59 -25.90 -32.23
N MET A 183 23.73 -25.28 -32.52
CA MET A 183 23.82 -24.26 -33.57
C MET A 183 23.46 -24.83 -34.96
N LYS A 184 24.06 -25.96 -35.31
CA LYS A 184 23.77 -26.65 -36.56
C LYS A 184 22.25 -26.76 -36.74
N LEU A 185 21.54 -26.92 -35.62
CA LEU A 185 20.09 -26.98 -35.64
C LEU A 185 19.41 -25.61 -35.78
N CYS A 186 19.83 -24.62 -34.98
CA CYS A 186 19.35 -23.26 -35.10
C CYS A 186 19.55 -22.75 -36.52
N ALA A 187 20.72 -23.04 -37.05
CA ALA A 187 21.12 -22.59 -38.38
C ALA A 187 20.35 -23.32 -39.46
N ALA A 188 19.82 -24.50 -39.13
CA ALA A 188 19.12 -25.27 -40.10
C ALA A 188 17.77 -24.65 -40.30
N HIS A 189 17.37 -23.82 -39.35
CA HIS A 189 16.05 -23.20 -39.38
C HIS A 189 15.91 -22.10 -40.44
N LEU A 190 17.00 -21.75 -41.11
CA LEU A 190 16.98 -20.67 -42.09
C LEU A 190 16.93 -21.18 -43.53
N PRO A 191 16.35 -20.39 -44.46
CA PRO A 191 16.37 -20.72 -45.88
C PRO A 191 17.78 -20.90 -46.43
N THR A 192 18.73 -20.10 -45.95
CA THR A 192 20.15 -20.33 -46.22
C THR A 192 20.88 -20.60 -44.91
N GLU A 193 21.49 -21.78 -44.83
CA GLU A 193 22.18 -22.18 -43.62
C GLU A 193 23.29 -21.21 -43.25
N SER A 194 24.00 -20.71 -44.27
CA SER A 194 25.19 -19.86 -44.07
C SER A 194 24.89 -18.46 -43.51
N ASP A 195 23.61 -18.14 -43.38
CA ASP A 195 23.14 -16.84 -42.87
C ASP A 195 23.11 -16.74 -41.36
N ALA A 196 23.06 -17.88 -40.68
CA ALA A 196 22.85 -17.87 -39.22
C ALA A 196 23.56 -16.74 -38.42
N PRO A 197 24.91 -16.78 -38.37
CA PRO A 197 25.62 -15.90 -37.44
C PRO A 197 25.35 -14.40 -37.63
N ASN A 198 24.86 -14.02 -38.83
CA ASN A 198 24.44 -12.63 -39.09
C ASN A 198 23.01 -12.36 -38.73
N HIS A 199 22.17 -13.35 -39.00
CA HIS A 199 20.73 -13.18 -38.85
C HIS A 199 20.42 -13.13 -37.39
N TYR A 200 20.86 -14.18 -36.69
CA TYR A 200 20.71 -14.28 -35.25
C TYR A 200 21.47 -13.17 -34.46
N GLN A 201 22.46 -12.53 -35.09
CA GLN A 201 22.93 -11.33 -34.46
C GLN A 201 21.82 -10.33 -34.55
N ALA A 202 21.66 -9.76 -35.74
CA ALA A 202 20.59 -8.80 -36.02
C ALA A 202 19.37 -9.01 -35.10
N VAL A 203 18.68 -10.15 -35.27
CA VAL A 203 17.51 -10.49 -34.44
C VAL A 203 17.64 -10.10 -32.97
N CYS A 204 18.77 -10.47 -32.36
CA CYS A 204 19.03 -10.15 -30.96
C CYS A 204 19.36 -8.69 -30.84
N ARG A 205 20.21 -8.21 -31.73
CA ARG A 205 20.61 -6.81 -31.74
C ARG A 205 19.32 -5.98 -31.63
N ALA A 206 18.29 -6.45 -32.34
CA ALA A 206 17.02 -5.74 -32.48
C ALA A 206 16.17 -5.88 -31.25
N LEU A 207 16.09 -7.11 -30.72
CA LEU A 207 15.42 -7.36 -29.44
C LEU A 207 16.01 -6.47 -28.30
N PHE A 208 17.28 -6.14 -28.40
CA PHE A 208 17.83 -5.20 -27.45
C PHE A 208 17.34 -3.81 -27.79
N ALA A 209 17.55 -3.38 -29.03
CA ALA A 209 17.14 -2.04 -29.42
C ALA A 209 15.65 -1.78 -29.11
N GLU A 210 14.79 -2.69 -29.55
CA GLU A 210 13.37 -2.49 -29.37
C GLU A 210 12.98 -2.47 -27.89
N THR A 211 13.66 -3.26 -27.06
CA THR A 211 13.37 -3.25 -25.62
C THR A 211 13.83 -1.96 -24.93
N MET A 212 14.93 -1.38 -25.39
CA MET A 212 15.36 -0.11 -24.85
C MET A 212 14.42 1.03 -25.22
N GLU A 213 13.68 0.85 -26.31
CA GLU A 213 12.67 1.84 -26.69
C GLU A 213 11.52 1.87 -25.66
N LEU A 214 11.20 0.72 -25.07
CA LEU A 214 10.25 0.70 -23.99
C LEU A 214 10.78 1.25 -22.69
N HIS A 215 12.10 1.41 -22.56
CA HIS A 215 12.77 1.99 -21.36
C HIS A 215 12.92 1.06 -20.16
N ASP B 21 17.10 33.13 21.79
CA ASP B 21 18.00 32.48 20.78
C ASP B 21 17.85 30.94 20.53
N ALA B 22 17.14 30.26 21.43
CA ALA B 22 16.68 28.87 21.25
C ALA B 22 15.41 28.68 22.09
N LEU B 23 14.38 28.11 21.48
CA LEU B 23 13.13 27.86 22.19
C LEU B 23 13.04 26.39 22.44
N SER B 24 12.69 26.00 23.67
CA SER B 24 12.46 24.58 23.95
C SER B 24 11.19 24.15 23.26
N LEU B 25 11.08 22.89 22.89
CA LEU B 25 9.92 22.48 22.15
C LEU B 25 8.69 22.69 23.02
N GLU B 26 8.87 22.60 24.33
CA GLU B 26 7.78 22.80 25.28
C GLU B 26 7.24 24.25 25.33
N GLU B 27 8.11 25.25 25.15
CA GLU B 27 7.67 26.64 25.05
C GLU B 27 6.86 26.83 23.79
N ILE B 28 7.37 26.30 22.69
CA ILE B 28 6.65 26.31 21.42
C ILE B 28 5.28 25.65 21.54
N LEU B 29 5.19 24.52 22.22
CA LEU B 29 3.90 23.90 22.41
C LEU B 29 2.95 24.71 23.31
N ARG B 30 3.48 25.45 24.28
CA ARG B 30 2.64 26.31 25.12
C ARG B 30 2.12 27.54 24.41
N LEU B 31 3.00 28.26 23.70
CA LEU B 31 2.61 29.48 22.99
C LEU B 31 1.51 29.20 21.98
N TYR B 32 1.74 28.28 21.04
CA TYR B 32 0.70 27.87 20.08
C TYR B 32 -0.46 27.13 20.73
N ASN B 33 -0.24 26.64 21.94
CA ASN B 33 -1.19 25.79 22.60
C ASN B 33 -1.90 24.90 21.61
N GLN B 34 -1.11 24.22 20.77
CA GLN B 34 -1.61 23.16 19.88
C GLN B 34 -0.47 22.24 19.45
N PRO B 35 -0.77 21.12 18.78
CA PRO B 35 0.32 20.22 18.44
C PRO B 35 1.10 20.69 17.24
N ILE B 36 2.35 20.23 17.14
CA ILE B 36 3.17 20.41 15.96
C ILE B 36 2.48 19.71 14.80
N ASN B 37 2.77 20.12 13.58
CA ASN B 37 2.24 19.39 12.46
C ASN B 37 3.16 18.24 12.07
N GLU B 38 2.66 17.38 11.19
CA GLU B 38 3.45 16.24 10.76
C GLU B 38 4.84 16.65 10.34
N GLU B 39 4.94 17.59 9.41
CA GLU B 39 6.24 17.99 8.90
C GLU B 39 7.21 18.35 10.03
N GLN B 40 6.80 19.30 10.85
CA GLN B 40 7.58 19.62 12.05
C GLN B 40 8.13 18.41 12.82
N ALA B 41 7.28 17.41 13.05
CA ALA B 41 7.74 16.13 13.59
C ALA B 41 8.91 15.56 12.77
N TRP B 42 8.68 15.34 11.47
CA TRP B 42 9.73 14.78 10.65
C TRP B 42 10.99 15.57 10.82
N ALA B 43 10.89 16.90 10.67
CA ALA B 43 12.03 17.81 10.89
C ALA B 43 12.72 17.54 12.23
N VAL B 44 12.03 17.82 13.33
CA VAL B 44 12.64 17.68 14.66
C VAL B 44 13.36 16.33 14.83
N CYS B 45 12.77 15.29 14.26
CA CYS B 45 13.38 13.99 14.21
C CYS B 45 14.69 13.98 13.49
N TYR B 46 14.69 14.56 12.32
CA TYR B 46 15.89 14.57 11.51
C TYR B 46 16.93 15.45 12.20
N GLN B 47 16.68 16.77 12.19
CA GLN B 47 17.49 17.74 12.91
C GLN B 47 18.07 17.20 14.21
N CYS B 48 17.19 16.63 15.04
CA CYS B 48 17.62 16.14 16.33
C CYS B 48 18.61 14.95 16.34
N CYS B 49 18.38 13.91 15.53
CA CYS B 49 19.34 12.80 15.49
C CYS B 49 20.62 13.29 14.90
N GLY B 50 20.49 14.08 13.86
CA GLY B 50 21.64 14.73 13.27
C GLY B 50 22.51 15.41 14.31
N SER B 51 21.90 15.93 15.36
CA SER B 51 22.69 16.49 16.41
C SER B 51 23.24 15.43 17.30
N LEU B 52 22.44 14.39 17.54
CA LEU B 52 22.86 13.29 18.40
C LEU B 52 23.99 12.48 17.78
N ARG B 53 23.86 12.25 16.48
CA ARG B 53 24.85 11.53 15.71
C ARG B 53 26.19 12.22 15.84
N ALA B 54 26.16 13.54 15.78
CA ALA B 54 27.37 14.35 15.79
C ALA B 54 27.92 14.59 17.19
N ALA B 55 27.16 14.16 18.21
CA ALA B 55 27.62 14.27 19.59
C ALA B 55 28.19 12.96 20.04
N ALA B 56 27.75 11.87 19.44
CA ALA B 56 28.31 10.58 19.78
C ALA B 56 29.64 10.46 19.09
N ARG B 57 29.80 11.25 18.05
CA ARG B 57 31.00 11.26 17.23
C ARG B 57 32.14 11.99 17.95
N ARG B 58 31.76 12.70 19.01
CA ARG B 58 32.71 13.37 19.88
C ARG B 58 32.69 12.62 21.21
N ARG B 59 31.96 11.51 21.22
CA ARG B 59 31.85 10.61 22.39
C ARG B 59 31.30 11.32 23.63
N GLN B 60 30.06 11.80 23.54
CA GLN B 60 29.42 12.56 24.61
C GLN B 60 28.41 11.69 25.35
N PRO B 61 28.31 11.86 26.68
CA PRO B 61 27.37 11.11 27.49
C PRO B 61 25.97 11.14 26.88
N ARG B 62 25.36 9.96 26.75
CA ARG B 62 24.03 9.82 26.15
C ARG B 62 22.92 10.18 27.13
N HIS B 63 22.04 11.08 26.73
CA HIS B 63 20.93 11.53 27.57
C HIS B 63 19.62 11.01 27.02
N ARG B 64 18.72 10.65 27.93
CA ARG B 64 17.39 10.18 27.57
C ARG B 64 16.45 11.37 27.36
N VAL B 65 15.53 11.27 26.41
CA VAL B 65 14.56 12.35 26.18
C VAL B 65 13.37 12.21 27.12
N ARG B 66 13.48 12.87 28.28
CA ARG B 66 12.49 12.80 29.37
C ARG B 66 11.20 13.57 29.06
N SER B 67 11.34 14.85 28.74
CA SER B 67 10.20 15.68 28.38
C SER B 67 10.62 16.67 27.31
N ALA B 68 9.62 17.26 26.64
CA ALA B 68 9.87 18.15 25.52
C ALA B 68 10.58 19.44 25.90
N ALA B 69 10.94 19.55 27.17
CA ALA B 69 11.72 20.68 27.63
C ALA B 69 13.16 20.60 27.14
N GLN B 70 13.66 19.38 26.97
CA GLN B 70 15.05 19.15 26.61
C GLN B 70 15.34 19.36 25.14
N ILE B 71 14.31 19.44 24.32
CA ILE B 71 14.52 19.62 22.89
C ILE B 71 14.67 21.12 22.59
N ARG B 72 15.90 21.61 22.59
CA ARG B 72 16.14 23.00 22.24
C ARG B 72 16.06 23.17 20.72
N VAL B 73 15.23 24.10 20.26
CA VAL B 73 15.17 24.49 18.86
C VAL B 73 15.86 25.83 18.62
N TRP B 74 16.76 25.83 17.64
CA TRP B 74 17.67 26.93 17.42
C TRP B 74 17.18 27.94 16.40
N ARG B 75 17.68 29.18 16.53
CA ARG B 75 17.43 30.23 15.53
C ARG B 75 17.89 29.73 14.19
N ASP B 76 19.15 29.29 14.15
CA ASP B 76 19.76 28.83 12.88
C ASP B 76 19.04 27.63 12.27
N GLY B 77 18.24 26.94 13.09
CA GLY B 77 17.44 25.80 12.64
C GLY B 77 18.01 24.43 12.99
N ALA B 78 18.75 24.38 14.09
CA ALA B 78 19.29 23.15 14.60
C ALA B 78 18.33 22.64 15.66
N VAL B 79 18.31 21.35 15.92
CA VAL B 79 17.57 20.86 17.08
C VAL B 79 18.55 20.03 17.87
N THR B 80 18.70 20.35 19.15
CA THR B 80 19.66 19.65 20.02
C THR B 80 19.01 19.30 21.31
N LEU B 81 19.28 18.09 21.76
CA LEU B 81 18.74 17.57 22.99
C LEU B 81 19.56 18.07 24.19
N ALA B 82 18.91 18.70 25.17
CA ALA B 82 19.62 19.15 26.38
C ALA B 82 19.68 18.00 27.38
N PRO B 83 20.51 18.13 28.43
CA PRO B 83 20.45 17.19 29.56
C PRO B 83 19.25 17.51 30.46
N ALA B 84 18.65 16.49 31.09
CA ALA B 84 17.39 16.63 31.84
C ALA B 84 17.55 17.39 33.14
N ALA B 85 16.47 17.54 33.91
CA ALA B 85 16.57 18.05 35.29
C ALA B 85 17.72 17.38 36.08
N ASP B 86 18.12 16.18 35.65
CA ASP B 86 19.28 15.44 36.18
C ASP B 86 20.40 15.29 35.13
N GLN B 102 23.69 1.80 32.94
CA GLN B 102 24.05 2.65 31.81
C GLN B 102 22.84 3.09 30.96
N CYS B 103 23.08 3.36 29.66
CA CYS B 103 22.06 3.88 28.74
C CYS B 103 22.52 3.84 27.29
N MET B 104 21.79 3.11 26.43
CA MET B 104 22.26 2.88 25.05
C MET B 104 21.49 3.65 24.01
N GLU B 105 22.06 3.70 22.80
CA GLU B 105 21.57 4.56 21.72
C GLU B 105 20.12 4.32 21.39
N THR B 106 19.75 3.05 21.23
CA THR B 106 18.38 2.66 20.89
C THR B 106 17.38 3.31 21.82
N GLU B 107 17.80 3.45 23.09
CA GLU B 107 16.98 4.09 24.13
C GLU B 107 16.76 5.54 23.81
N VAL B 108 17.80 6.26 23.41
CA VAL B 108 17.65 7.68 23.10
C VAL B 108 16.69 7.86 21.93
N ILE B 109 16.95 7.17 20.82
CA ILE B 109 15.97 7.12 19.72
C ILE B 109 14.53 6.99 20.24
N GLU B 110 14.28 5.98 21.08
CA GLU B 110 12.94 5.69 21.58
C GLU B 110 12.37 6.86 22.33
N SER B 111 13.12 7.35 23.32
CA SER B 111 12.60 8.37 24.22
C SER B 111 12.36 9.61 23.41
N LEU B 112 13.16 9.78 22.37
CA LEU B 112 12.93 10.86 21.42
C LEU B 112 11.58 10.67 20.73
N GLY B 113 11.35 9.46 20.20
CA GLY B 113 10.13 9.17 19.41
C GLY B 113 8.87 9.49 20.19
N ILE B 114 8.95 9.16 21.48
CA ILE B 114 7.88 9.38 22.44
C ILE B 114 7.56 10.87 22.68
N ILE B 115 8.58 11.69 22.93
CA ILE B 115 8.35 13.12 23.04
C ILE B 115 7.69 13.58 21.76
N ILE B 116 8.26 13.18 20.63
CA ILE B 116 7.70 13.52 19.34
C ILE B 116 6.23 13.10 19.28
N TYR B 117 5.91 11.86 19.62
CA TYR B 117 4.49 11.50 19.59
C TYR B 117 3.73 12.48 20.44
N LYS B 118 4.12 12.59 21.73
CA LYS B 118 3.47 13.50 22.70
C LYS B 118 3.24 14.95 22.21
N ALA B 119 4.25 15.53 21.54
CA ALA B 119 4.14 16.85 20.90
C ALA B 119 3.15 16.86 19.74
N LEU B 120 3.15 15.79 18.96
CA LEU B 120 2.24 15.63 17.82
C LEU B 120 0.84 15.42 18.31
N ASP B 121 0.73 15.39 19.63
CA ASP B 121 -0.47 14.98 20.31
C ASP B 121 -1.16 16.13 21.07
N TYR B 122 -0.40 17.15 21.45
CA TYR B 122 -0.83 18.25 22.31
C TYR B 122 -2.32 18.58 22.35
N GLY B 123 -2.91 18.58 23.54
CA GLY B 123 -4.28 19.09 23.74
C GLY B 123 -5.42 18.18 23.40
N LEU B 124 -5.12 16.92 23.08
CA LEU B 124 -6.16 15.93 22.90
C LEU B 124 -6.40 15.23 24.23
N LYS B 125 -7.61 14.71 24.42
CA LYS B 125 -7.95 13.96 25.64
C LYS B 125 -7.54 12.50 25.49
N GLU B 126 -8.07 11.62 26.34
CA GLU B 126 -7.67 10.22 26.33
C GLU B 126 -8.36 9.44 25.22
N ASN B 127 -9.68 9.57 25.19
CA ASN B 127 -10.54 8.89 24.22
C ASN B 127 -10.16 9.09 22.76
N GLU B 128 -9.46 10.18 22.49
CA GLU B 128 -9.08 10.56 21.12
C GLU B 128 -7.59 10.43 20.85
N GLU B 129 -7.24 9.95 19.66
CA GLU B 129 -5.87 10.03 19.18
C GLU B 129 -5.80 10.47 17.70
N ARG B 130 -4.71 11.12 17.32
CA ARG B 130 -4.58 11.81 16.04
C ARG B 130 -4.36 10.84 14.90
N GLU B 131 -5.01 11.07 13.75
CA GLU B 131 -4.76 10.25 12.55
C GLU B 131 -3.41 10.62 11.96
N LEU B 132 -2.41 9.76 12.17
CA LEU B 132 -1.06 10.01 11.68
C LEU B 132 -0.89 9.42 10.30
N SER B 133 -0.32 10.21 9.39
CA SER B 133 -0.13 9.74 8.03
C SER B 133 0.84 8.54 8.05
N PRO B 134 0.40 7.39 7.48
CA PRO B 134 1.05 6.08 7.66
C PRO B 134 2.57 6.08 7.78
N PRO B 135 3.32 6.67 6.81
CA PRO B 135 4.79 6.62 6.91
C PRO B 135 5.32 7.28 8.19
N LEU B 136 4.53 8.16 8.79
CA LEU B 136 4.90 8.78 10.05
C LEU B 136 4.57 7.89 11.25
N GLU B 137 3.33 7.43 11.37
CA GLU B 137 2.96 6.42 12.39
C GLU B 137 4.02 5.36 12.43
N GLN B 138 4.34 4.87 11.22
CA GLN B 138 5.33 3.85 10.95
C GLN B 138 6.75 4.23 11.43
N LEU B 139 7.13 5.51 11.30
CA LEU B 139 8.41 5.96 11.85
C LEU B 139 8.40 5.92 13.38
N ILE B 140 7.38 6.55 13.98
CA ILE B 140 7.25 6.67 15.45
C ILE B 140 7.13 5.32 16.12
N ASP B 141 6.26 4.49 15.55
CA ASP B 141 6.15 3.12 15.99
C ASP B 141 7.53 2.44 16.02
N HIS B 142 8.35 2.69 15.00
CA HIS B 142 9.64 2.02 14.90
C HIS B 142 10.66 2.56 15.88
N MET B 143 10.73 3.87 16.01
CA MET B 143 11.58 4.47 17.04
C MET B 143 11.20 4.01 18.46
N ALA B 144 9.91 3.82 18.71
CA ALA B 144 9.49 3.54 20.08
C ALA B 144 9.13 2.08 20.39
N ASN B 145 9.20 1.21 19.38
CA ASN B 145 8.92 -0.22 19.55
C ASN B 145 7.43 -0.50 19.74
N THR B 146 6.66 -0.18 18.72
CA THR B 146 5.22 -0.32 18.77
C THR B 146 4.77 -0.80 17.38
N VAL B 147 4.92 -2.09 17.10
CA VAL B 147 4.73 -2.63 15.73
C VAL B 147 4.08 -4.02 15.70
N GLU B 148 3.32 -4.31 14.63
CA GLU B 148 2.98 -5.72 14.27
C GLU B 148 2.77 -5.97 12.77
N ALA B 175 14.45 -2.39 10.22
CA ALA B 175 14.68 -2.08 11.65
C ALA B 175 15.40 -0.73 11.87
N ILE B 176 15.52 -0.31 13.14
CA ILE B 176 16.11 1.01 13.48
C ILE B 176 17.05 1.01 14.69
N ARG B 177 18.31 0.65 14.52
CA ARG B 177 19.19 0.53 15.68
C ARG B 177 20.18 1.69 15.98
N SER B 178 20.00 2.83 15.31
CA SER B 178 20.99 3.91 15.34
C SER B 178 20.50 5.18 14.72
N TYR B 179 20.94 6.30 15.29
CA TYR B 179 20.52 7.59 14.81
C TYR B 179 20.51 7.64 13.30
N ARG B 180 21.65 7.30 12.68
CA ARG B 180 21.74 7.27 11.23
C ARG B 180 20.45 6.73 10.63
N ASP B 181 20.08 5.50 11.01
CA ASP B 181 18.85 4.83 10.54
C ASP B 181 17.63 5.76 10.49
N VAL B 182 17.38 6.46 11.62
CA VAL B 182 16.27 7.42 11.76
C VAL B 182 16.28 8.47 10.63
N MET B 183 17.44 9.05 10.35
CA MET B 183 17.56 10.09 9.33
C MET B 183 17.25 9.56 7.95
N LYS B 184 17.84 8.42 7.61
CA LYS B 184 17.54 7.69 6.39
C LYS B 184 16.04 7.58 6.15
N LEU B 185 15.28 7.43 7.25
CA LEU B 185 13.81 7.41 7.18
C LEU B 185 13.13 8.80 7.04
N CYS B 186 13.64 9.81 7.77
CA CYS B 186 13.14 11.17 7.68
C CYS B 186 13.36 11.68 6.29
N ALA B 187 14.56 11.41 5.77
CA ALA B 187 14.97 11.83 4.45
C ALA B 187 14.18 11.10 3.41
N ALA B 188 13.70 9.91 3.73
CA ALA B 188 12.97 9.12 2.76
C ALA B 188 11.61 9.73 2.52
N HIS B 189 11.17 10.57 3.44
CA HIS B 189 9.83 11.16 3.39
C HIS B 189 9.70 12.25 2.31
N LEU B 190 10.81 12.63 1.69
CA LEU B 190 10.81 13.71 0.70
C LEU B 190 10.79 13.19 -0.73
N PRO B 191 10.22 13.98 -1.66
CA PRO B 191 10.26 13.66 -3.09
C PRO B 191 11.68 13.46 -3.61
N THR B 192 12.62 14.26 -3.12
CA THR B 192 14.06 14.05 -3.37
C THR B 192 14.75 13.78 -2.06
N GLU B 193 15.35 12.62 -1.95
CA GLU B 193 16.03 12.20 -0.74
C GLU B 193 17.15 13.20 -0.38
N SER B 194 17.87 13.67 -1.39
CA SER B 194 19.05 14.50 -1.16
C SER B 194 18.73 15.90 -0.60
N ASP B 195 17.46 16.23 -0.46
CA ASP B 195 17.01 17.55 0.03
C ASP B 195 16.94 17.67 1.54
N ALA B 196 16.89 16.55 2.25
CA ALA B 196 16.64 16.56 3.70
C ALA B 196 17.36 17.65 4.47
N PRO B 197 18.70 17.59 4.53
CA PRO B 197 19.38 18.45 5.47
C PRO B 197 19.07 19.95 5.30
N ASN B 198 18.69 20.35 4.09
CA ASN B 198 18.22 21.72 3.81
C ASN B 198 16.77 21.98 4.20
N HIS B 199 15.91 21.03 3.85
CA HIS B 199 14.49 21.21 3.98
C HIS B 199 14.18 21.25 5.44
N TYR B 200 14.63 20.21 6.14
CA TYR B 200 14.44 20.10 7.58
C TYR B 200 15.17 21.18 8.40
N GLN B 201 16.17 21.84 7.82
CA GLN B 201 16.63 23.03 8.48
C GLN B 201 15.52 24.05 8.32
N ALA B 202 15.36 24.57 7.11
CA ALA B 202 14.34 25.58 6.85
C ALA B 202 13.09 25.40 7.70
N VAL B 203 12.44 24.23 7.59
CA VAL B 203 11.23 23.93 8.35
C VAL B 203 11.36 24.34 9.81
N CYS B 204 12.45 23.90 10.45
CA CYS B 204 12.71 24.25 11.84
C CYS B 204 13.07 25.70 11.99
N ARG B 205 13.99 26.16 11.15
CA ARG B 205 14.31 27.56 11.10
C ARG B 205 13.00 28.34 11.23
N ALA B 206 11.98 27.92 10.47
CA ALA B 206 10.74 28.67 10.36
C ALA B 206 9.90 28.54 11.60
N LEU B 207 9.78 27.31 12.09
CA LEU B 207 9.04 27.05 13.32
C LEU B 207 9.56 27.90 14.45
N PHE B 208 10.86 28.24 14.40
CA PHE B 208 11.42 29.18 15.36
C PHE B 208 10.91 30.55 14.99
N ALA B 209 11.20 31.02 13.78
CA ALA B 209 10.75 32.37 13.40
C ALA B 209 9.27 32.57 13.73
N GLU B 210 8.43 31.68 13.24
CA GLU B 210 7.01 31.86 13.41
C GLU B 210 6.61 31.86 14.88
N THR B 211 7.32 31.12 15.72
CA THR B 211 6.98 31.11 17.14
C THR B 211 7.42 32.37 17.83
N MET B 212 8.52 32.96 17.37
CA MET B 212 8.92 34.24 17.93
C MET B 212 7.98 35.37 17.53
N GLU B 213 7.30 35.21 16.39
CA GLU B 213 6.27 36.17 16.01
C GLU B 213 5.06 36.19 16.98
N LEU B 214 4.80 35.09 17.68
CA LEU B 214 3.82 35.10 18.74
C LEU B 214 4.29 35.83 20.01
N HIS B 215 5.21 36.78 19.84
CA HIS B 215 5.35 37.91 20.79
C HIS B 215 5.04 39.27 20.15
N ARG C 20 -8.55 0.86 -36.84
CA ARG C 20 -9.06 0.56 -35.47
C ARG C 20 -9.43 1.87 -34.76
N ASP C 21 -10.66 1.96 -34.26
CA ASP C 21 -11.13 3.22 -33.69
C ASP C 21 -11.54 3.22 -32.22
N ALA C 22 -11.37 2.09 -31.52
CA ALA C 22 -11.63 2.03 -30.06
C ALA C 22 -10.78 1.01 -29.33
N LEU C 23 -10.73 1.16 -28.00
CA LEU C 23 -10.17 0.16 -27.08
C LEU C 23 -10.98 0.21 -25.82
N SER C 24 -11.20 -0.95 -25.22
CA SER C 24 -11.89 -1.01 -23.96
C SER C 24 -10.94 -0.53 -22.91
N LEU C 25 -11.48 -0.15 -21.76
CA LEU C 25 -10.66 0.09 -20.57
C LEU C 25 -10.04 -1.22 -20.04
N GLU C 26 -10.45 -2.34 -20.60
CA GLU C 26 -9.79 -3.60 -20.32
C GLU C 26 -8.44 -3.59 -21.03
N GLU C 27 -8.46 -3.27 -22.32
CA GLU C 27 -7.27 -3.26 -23.16
C GLU C 27 -6.22 -2.26 -22.70
N ILE C 28 -6.66 -1.14 -22.14
CA ILE C 28 -5.73 -0.09 -21.68
C ILE C 28 -5.01 -0.55 -20.42
N LEU C 29 -5.76 -1.20 -19.52
CA LEU C 29 -5.24 -1.70 -18.28
C LEU C 29 -4.34 -2.93 -18.46
N ARG C 30 -4.68 -3.77 -19.45
CA ARG C 30 -3.87 -4.93 -19.79
C ARG C 30 -2.46 -4.52 -20.23
N LEU C 31 -2.38 -3.87 -21.39
CA LEU C 31 -1.12 -3.49 -22.00
C LEU C 31 -0.17 -2.82 -21.02
N TYR C 32 -0.55 -1.64 -20.55
CA TYR C 32 0.26 -0.90 -19.59
C TYR C 32 0.47 -1.71 -18.34
N ASN C 33 -0.46 -2.63 -18.06
CA ASN C 33 -0.41 -3.51 -16.89
C ASN C 33 -0.19 -2.74 -15.58
N GLN C 34 -0.77 -1.54 -15.55
CA GLN C 34 -0.80 -0.69 -14.38
C GLN C 34 -2.03 0.21 -14.49
N PRO C 35 -2.44 0.83 -13.36
CA PRO C 35 -3.71 1.55 -13.35
C PRO C 35 -3.66 2.91 -14.02
N ILE C 36 -4.84 3.45 -14.28
CA ILE C 36 -5.00 4.77 -14.86
C ILE C 36 -4.66 5.78 -13.79
N ASN C 37 -4.34 7.01 -14.21
CA ASN C 37 -4.07 8.06 -13.25
C ASN C 37 -5.34 8.85 -12.87
N GLU C 38 -5.23 9.67 -11.81
CA GLU C 38 -6.35 10.47 -11.34
C GLU C 38 -6.92 11.31 -12.47
N GLU C 39 -6.08 12.09 -13.14
CA GLU C 39 -6.56 12.98 -14.22
C GLU C 39 -7.20 12.24 -15.39
N GLN C 40 -6.90 10.94 -15.52
CA GLN C 40 -7.58 10.08 -16.48
C GLN C 40 -8.86 9.49 -15.89
N ALA C 41 -8.88 9.29 -14.57
CA ALA C 41 -10.08 8.80 -13.89
C ALA C 41 -11.24 9.80 -13.99
N TRP C 42 -10.94 11.09 -13.88
CA TRP C 42 -11.92 12.14 -14.09
C TRP C 42 -12.41 12.09 -15.52
N ALA C 43 -11.50 12.25 -16.48
CA ALA C 43 -11.82 12.34 -17.90
C ALA C 43 -12.72 11.23 -18.41
N VAL C 44 -12.33 9.99 -18.14
CA VAL C 44 -13.04 8.81 -18.58
C VAL C 44 -14.45 8.74 -18.01
N CYS C 45 -14.57 9.07 -16.73
CA CYS C 45 -15.83 9.02 -16.00
C CYS C 45 -16.83 10.14 -16.40
N TYR C 46 -16.31 11.28 -16.85
CA TYR C 46 -17.13 12.35 -17.42
C TYR C 46 -17.62 11.91 -18.78
N GLN C 47 -16.68 11.80 -19.72
CA GLN C 47 -16.96 11.42 -21.09
C GLN C 47 -17.92 10.24 -21.19
N CYS C 48 -17.84 9.34 -20.23
CA CYS C 48 -18.70 8.17 -20.18
C CYS C 48 -20.16 8.53 -19.91
N CYS C 49 -20.38 9.46 -18.98
CA CYS C 49 -21.72 9.91 -18.63
C CYS C 49 -22.33 10.78 -19.74
N GLY C 50 -21.48 11.45 -20.51
CA GLY C 50 -21.92 12.17 -21.68
C GLY C 50 -22.55 11.23 -22.68
N SER C 51 -21.86 10.13 -22.95
CA SER C 51 -22.36 9.07 -23.81
C SER C 51 -23.63 8.45 -23.24
N LEU C 52 -23.68 8.33 -21.92
CA LEU C 52 -24.83 7.80 -21.21
C LEU C 52 -26.09 8.70 -21.28
N ARG C 53 -26.03 9.91 -20.71
CA ARG C 53 -27.09 10.93 -20.86
C ARG C 53 -27.51 11.02 -22.33
N ALA C 54 -26.54 11.28 -23.19
CA ALA C 54 -26.75 11.42 -24.63
C ALA C 54 -27.53 10.28 -25.27
N ALA C 55 -27.59 9.12 -24.61
CA ALA C 55 -28.38 7.97 -25.08
C ALA C 55 -29.67 7.74 -24.28
N ALA C 56 -29.70 8.26 -23.04
CA ALA C 56 -30.92 8.27 -22.20
C ALA C 56 -31.99 9.03 -22.93
N ARG C 57 -31.56 10.15 -23.50
CA ARG C 57 -32.40 11.04 -24.25
C ARG C 57 -32.80 10.45 -25.61
N ARG C 58 -32.00 9.50 -26.08
CA ARG C 58 -32.38 8.72 -27.25
C ARG C 58 -33.32 7.57 -26.88
N ARG C 59 -33.63 7.50 -25.58
CA ARG C 59 -34.44 6.45 -24.97
C ARG C 59 -33.92 5.06 -25.33
N GLN C 60 -32.66 4.83 -24.95
CA GLN C 60 -31.98 3.56 -25.23
C GLN C 60 -31.88 2.69 -24.00
N PRO C 61 -32.07 1.37 -24.16
CA PRO C 61 -32.00 0.42 -23.04
C PRO C 61 -30.79 0.69 -22.19
N ARG C 62 -31.01 0.76 -20.88
CA ARG C 62 -29.94 1.03 -19.90
C ARG C 62 -29.12 -0.23 -19.58
N HIS C 63 -27.80 -0.15 -19.78
CA HIS C 63 -26.88 -1.27 -19.51
C HIS C 63 -26.08 -0.99 -18.24
N ARG C 64 -25.94 -2.00 -17.40
CA ARG C 64 -25.14 -1.87 -16.17
C ARG C 64 -23.68 -2.17 -16.47
N VAL C 65 -22.75 -1.39 -15.93
CA VAL C 65 -21.33 -1.60 -16.21
C VAL C 65 -20.77 -2.79 -15.43
N ARG C 66 -20.53 -3.89 -16.15
CA ARG C 66 -20.13 -5.16 -15.57
C ARG C 66 -18.63 -5.25 -15.37
N SER C 67 -17.90 -5.01 -16.44
CA SER C 67 -16.44 -4.97 -16.36
C SER C 67 -15.92 -3.93 -17.33
N ALA C 68 -14.69 -3.50 -17.09
CA ALA C 68 -14.08 -2.42 -17.86
C ALA C 68 -13.94 -2.78 -19.34
N ALA C 69 -14.40 -3.97 -19.73
CA ALA C 69 -14.43 -4.37 -21.13
C ALA C 69 -15.41 -3.49 -21.89
N GLN C 70 -16.50 -3.13 -21.22
CA GLN C 70 -17.57 -2.36 -21.83
C GLN C 70 -17.29 -0.88 -22.02
N ILE C 71 -16.40 -0.32 -21.20
CA ILE C 71 -16.07 1.12 -21.25
C ILE C 71 -15.11 1.34 -22.42
N ARG C 72 -15.66 1.90 -23.49
CA ARG C 72 -14.98 2.00 -24.80
C ARG C 72 -14.42 3.38 -25.00
N VAL C 73 -13.12 3.46 -25.27
CA VAL C 73 -12.50 4.75 -25.52
C VAL C 73 -12.12 4.86 -26.98
N TRP C 74 -12.86 5.70 -27.69
CA TRP C 74 -12.71 5.87 -29.14
C TRP C 74 -11.55 6.79 -29.49
N ARG C 75 -11.19 6.77 -30.78
CA ARG C 75 -10.00 7.45 -31.32
C ARG C 75 -9.91 8.93 -30.91
N ASP C 76 -11.03 9.65 -31.02
CA ASP C 76 -11.03 11.09 -30.77
C ASP C 76 -11.43 11.49 -29.35
N GLY C 77 -11.36 10.55 -28.41
CA GLY C 77 -11.66 10.86 -27.00
C GLY C 77 -13.09 10.61 -26.53
N ALA C 78 -13.91 10.01 -27.39
CA ALA C 78 -15.25 9.58 -26.99
C ALA C 78 -15.15 8.42 -26.02
N VAL C 79 -15.92 8.48 -24.94
CA VAL C 79 -16.01 7.35 -24.00
C VAL C 79 -17.43 6.77 -23.94
N THR C 80 -17.73 5.87 -24.88
CA THR C 80 -19.04 5.19 -24.96
C THR C 80 -19.06 3.94 -24.08
N LEU C 81 -20.25 3.37 -23.91
CA LEU C 81 -20.45 2.27 -22.96
C LEU C 81 -21.24 1.06 -23.53
N ALA C 82 -20.50 0.04 -23.94
CA ALA C 82 -21.03 -1.11 -24.65
C ALA C 82 -22.03 -1.96 -23.84
N PRO C 83 -22.85 -2.79 -24.54
CA PRO C 83 -23.60 -3.83 -23.83
C PRO C 83 -22.68 -4.98 -23.42
N ALA C 84 -23.00 -5.64 -22.31
CA ALA C 84 -22.12 -6.66 -21.73
C ALA C 84 -22.06 -7.98 -22.53
N ALA C 85 -21.20 -8.89 -22.05
CA ALA C 85 -21.05 -10.25 -22.60
C ALA C 85 -22.20 -11.17 -22.17
N GLN C 102 -35.85 -1.26 -17.89
CA GLN C 102 -36.04 -2.08 -16.70
C GLN C 102 -34.78 -2.15 -15.82
N CYS C 103 -34.24 -0.97 -15.49
CA CYS C 103 -33.11 -0.84 -14.57
C CYS C 103 -32.91 0.62 -14.19
N MET C 104 -32.57 0.88 -12.93
CA MET C 104 -32.48 2.26 -12.45
C MET C 104 -31.29 3.01 -13.03
N GLU C 105 -31.51 4.28 -13.32
CA GLU C 105 -30.48 5.18 -13.79
C GLU C 105 -29.40 5.33 -12.72
N THR C 106 -29.80 5.12 -11.47
CA THR C 106 -28.88 5.23 -10.34
C THR C 106 -27.91 4.05 -10.32
N GLU C 107 -28.43 2.84 -10.55
CA GLU C 107 -27.64 1.61 -10.48
C GLU C 107 -26.58 1.53 -11.57
N VAL C 108 -26.85 2.17 -12.71
CA VAL C 108 -25.88 2.33 -13.79
C VAL C 108 -24.68 3.08 -13.23
N ILE C 109 -24.91 4.35 -12.88
CA ILE C 109 -23.93 5.22 -12.25
C ILE C 109 -23.10 4.55 -11.13
N GLU C 110 -23.77 3.78 -10.27
CA GLU C 110 -23.14 3.02 -9.20
C GLU C 110 -22.07 2.07 -9.71
N SER C 111 -22.41 1.29 -10.73
CA SER C 111 -21.51 0.23 -11.24
C SER C 111 -20.25 0.86 -11.82
N LEU C 112 -20.43 1.97 -12.53
CA LEU C 112 -19.32 2.75 -13.06
C LEU C 112 -18.36 3.12 -11.94
N GLY C 113 -18.90 3.42 -10.76
CA GLY C 113 -18.08 3.69 -9.59
C GLY C 113 -17.14 2.53 -9.32
N ILE C 114 -17.71 1.35 -9.07
CA ILE C 114 -16.93 0.13 -8.78
C ILE C 114 -15.82 -0.06 -9.81
N ILE C 115 -16.15 0.16 -11.09
CA ILE C 115 -15.23 -0.10 -12.19
C ILE C 115 -14.14 0.97 -12.29
N ILE C 116 -14.51 2.23 -12.10
CA ILE C 116 -13.51 3.31 -12.03
C ILE C 116 -12.59 3.11 -10.80
N TYR C 117 -13.14 2.54 -9.74
CA TYR C 117 -12.34 2.13 -8.61
C TYR C 117 -11.34 1.10 -9.12
N LYS C 118 -11.85 -0.05 -9.55
CA LYS C 118 -11.02 -1.17 -10.03
C LYS C 118 -9.98 -0.74 -11.04
N ALA C 119 -10.32 0.24 -11.87
CA ALA C 119 -9.40 0.79 -12.86
C ALA C 119 -8.23 1.52 -12.21
N LEU C 120 -8.48 2.13 -11.05
CA LEU C 120 -7.44 2.85 -10.32
C LEU C 120 -6.73 1.90 -9.38
N ASP C 121 -7.44 0.85 -8.99
CA ASP C 121 -6.91 -0.18 -8.10
C ASP C 121 -6.40 -1.38 -8.90
N TYR C 122 -5.74 -1.11 -10.02
CA TYR C 122 -5.20 -2.16 -10.86
C TYR C 122 -3.79 -2.52 -10.42
N GLY C 123 -3.53 -3.81 -10.34
CA GLY C 123 -2.22 -4.32 -9.97
C GLY C 123 -1.84 -4.18 -8.50
N LEU C 124 -2.74 -3.66 -7.68
CA LEU C 124 -2.55 -3.65 -6.23
C LEU C 124 -3.13 -4.91 -5.63
N LYS C 125 -2.55 -5.35 -4.51
CA LYS C 125 -3.05 -6.53 -3.80
C LYS C 125 -4.23 -6.14 -2.89
N GLU C 126 -4.57 -7.01 -1.93
CA GLU C 126 -5.71 -6.77 -1.05
C GLU C 126 -5.39 -5.79 0.07
N ASN C 127 -4.31 -6.10 0.79
CA ASN C 127 -3.80 -5.31 1.92
C ASN C 127 -3.58 -3.83 1.63
N GLU C 128 -3.38 -3.50 0.36
CA GLU C 128 -3.09 -2.14 -0.05
C GLU C 128 -4.24 -1.47 -0.78
N GLU C 129 -4.50 -0.22 -0.38
CA GLU C 129 -5.42 0.66 -1.09
C GLU C 129 -4.66 1.88 -1.59
N ARG C 130 -5.18 2.50 -2.64
CA ARG C 130 -4.59 3.70 -3.20
C ARG C 130 -5.12 4.93 -2.48
N GLU C 131 -4.22 5.74 -1.95
CA GLU C 131 -4.58 6.98 -1.28
C GLU C 131 -4.85 8.04 -2.34
N LEU C 132 -6.06 8.57 -2.34
CA LEU C 132 -6.48 9.55 -3.34
C LEU C 132 -6.73 10.94 -2.76
N SER C 133 -6.72 11.93 -3.65
CA SER C 133 -6.99 13.33 -3.28
C SER C 133 -8.40 13.50 -2.71
N PRO C 134 -8.61 14.54 -1.88
CA PRO C 134 -9.94 14.82 -1.33
C PRO C 134 -11.05 15.02 -2.38
N PRO C 135 -10.78 15.75 -3.49
CA PRO C 135 -11.85 15.90 -4.50
C PRO C 135 -12.28 14.59 -5.20
N LEU C 136 -11.33 13.71 -5.49
CA LEU C 136 -11.63 12.48 -6.23
C LEU C 136 -12.22 11.40 -5.33
N GLU C 137 -11.78 11.36 -4.07
CA GLU C 137 -12.21 10.38 -3.09
C GLU C 137 -13.73 10.41 -2.89
N GLN C 138 -14.27 11.62 -2.81
CA GLN C 138 -15.71 11.85 -2.69
C GLN C 138 -16.48 11.25 -3.86
N LEU C 139 -15.99 11.50 -5.08
CA LEU C 139 -16.64 11.06 -6.31
C LEU C 139 -16.91 9.56 -6.30
N ILE C 140 -15.93 8.78 -5.86
CA ILE C 140 -16.07 7.32 -5.77
C ILE C 140 -17.17 6.93 -4.79
N ASP C 141 -17.11 7.48 -3.59
CA ASP C 141 -18.07 7.17 -2.52
C ASP C 141 -19.48 7.64 -2.88
N HIS C 142 -19.58 8.82 -3.49
CA HIS C 142 -20.83 9.35 -4.03
C HIS C 142 -21.46 8.37 -5.01
N MET C 143 -20.61 7.68 -5.78
CA MET C 143 -21.05 6.74 -6.82
C MET C 143 -21.13 5.29 -6.34
N ALA C 144 -21.34 5.10 -5.04
CA ALA C 144 -21.48 3.75 -4.47
C ALA C 144 -22.71 3.63 -3.54
N ASN C 145 -23.42 4.75 -3.36
CA ASN C 145 -24.48 4.88 -2.34
C ASN C 145 -23.96 4.52 -0.94
N ALA C 175 -25.95 13.62 -3.34
CA ALA C 175 -27.23 13.20 -3.93
C ALA C 175 -27.18 13.27 -5.46
N ILE C 176 -26.49 12.31 -6.06
CA ILE C 176 -26.41 12.20 -7.51
C ILE C 176 -27.43 11.20 -7.99
N ARG C 177 -28.28 11.61 -8.93
CA ARG C 177 -29.28 10.70 -9.50
C ARG C 177 -29.56 10.88 -11.00
N SER C 178 -28.66 11.59 -11.68
CA SER C 178 -28.68 11.65 -13.14
C SER C 178 -27.26 11.69 -13.65
N TYR C 179 -27.09 11.27 -14.91
CA TYR C 179 -25.78 11.31 -15.53
C TYR C 179 -25.26 12.76 -15.60
N ARG C 180 -26.19 13.71 -15.60
CA ARG C 180 -25.86 15.12 -15.63
C ARG C 180 -25.34 15.61 -14.28
N ASP C 181 -25.79 14.96 -13.19
CA ASP C 181 -25.36 15.31 -11.84
C ASP C 181 -23.88 15.05 -11.64
N VAL C 182 -23.45 13.84 -12.04
CA VAL C 182 -22.05 13.47 -12.04
C VAL C 182 -21.26 14.27 -13.07
N MET C 183 -21.82 14.48 -14.25
CA MET C 183 -21.12 15.17 -15.34
C MET C 183 -20.76 16.62 -15.08
N LYS C 184 -21.43 17.24 -14.09
CA LYS C 184 -21.12 18.61 -13.68
C LYS C 184 -20.20 18.62 -12.45
N LEU C 185 -20.06 17.44 -11.84
CA LEU C 185 -19.09 17.23 -10.78
C LEU C 185 -17.69 17.11 -11.36
N CYS C 186 -17.59 16.48 -12.53
CA CYS C 186 -16.32 16.30 -13.24
C CYS C 186 -15.87 17.62 -13.82
N ALA C 187 -16.83 18.45 -14.20
CA ALA C 187 -16.54 19.77 -14.73
C ALA C 187 -16.03 20.69 -13.62
N ALA C 188 -16.46 20.44 -12.39
CA ALA C 188 -16.12 21.29 -11.26
C ALA C 188 -14.68 21.09 -10.79
N HIS C 189 -14.14 19.89 -11.02
CA HIS C 189 -12.76 19.55 -10.68
C HIS C 189 -11.72 20.42 -11.39
N LEU C 190 -12.18 21.23 -12.33
CA LEU C 190 -11.30 22.08 -13.12
C LEU C 190 -11.24 23.53 -12.58
N PRO C 191 -10.08 24.21 -12.78
CA PRO C 191 -9.95 25.63 -12.43
C PRO C 191 -11.01 26.51 -13.12
N THR C 192 -11.37 26.16 -14.36
CA THR C 192 -12.51 26.76 -15.05
C THR C 192 -13.54 25.67 -15.35
N GLU C 193 -14.74 25.82 -14.78
CA GLU C 193 -15.80 24.85 -14.99
C GLU C 193 -16.15 24.65 -16.48
N SER C 194 -16.02 25.70 -17.29
CA SER C 194 -16.66 25.76 -18.62
C SER C 194 -15.98 25.06 -19.82
N ASP C 195 -14.88 24.34 -19.61
CA ASP C 195 -14.21 23.64 -20.72
C ASP C 195 -13.88 22.18 -20.47
N ALA C 196 -14.66 21.54 -19.60
CA ALA C 196 -14.61 20.10 -19.36
C ALA C 196 -14.78 19.29 -20.65
N PRO C 197 -15.72 19.69 -21.54
CA PRO C 197 -15.89 18.97 -22.80
C PRO C 197 -14.61 18.88 -23.63
N ASN C 198 -13.91 20.00 -23.79
CA ASN C 198 -12.69 20.07 -24.60
C ASN C 198 -11.47 19.52 -23.89
N HIS C 199 -11.40 19.72 -22.57
CA HIS C 199 -10.30 19.19 -21.77
C HIS C 199 -10.35 17.67 -21.70
N TYR C 200 -11.47 17.12 -21.24
CA TYR C 200 -11.58 15.68 -21.12
C TYR C 200 -11.65 14.97 -22.46
N GLN C 201 -12.08 15.68 -23.50
CA GLN C 201 -11.91 15.22 -24.87
C GLN C 201 -10.45 14.84 -25.13
N ALA C 202 -9.54 15.80 -24.92
CA ALA C 202 -8.10 15.65 -25.19
C ALA C 202 -7.34 14.74 -24.20
N VAL C 203 -7.84 14.63 -22.98
CA VAL C 203 -7.25 13.75 -21.96
C VAL C 203 -7.44 12.32 -22.44
N CYS C 204 -8.67 12.01 -22.82
CA CYS C 204 -8.97 10.72 -23.33
C CYS C 204 -8.30 10.51 -24.67
N ARG C 205 -8.35 11.53 -25.54
CA ARG C 205 -7.73 11.43 -26.87
C ARG C 205 -6.24 11.09 -26.75
N ALA C 206 -5.60 11.59 -25.71
CA ALA C 206 -4.22 11.21 -25.42
C ALA C 206 -4.14 9.76 -24.96
N LEU C 207 -4.88 9.42 -23.89
CA LEU C 207 -4.99 8.05 -23.36
C LEU C 207 -5.29 7.01 -24.43
N PHE C 208 -5.83 7.44 -25.56
CA PHE C 208 -5.95 6.57 -26.71
C PHE C 208 -4.62 6.46 -27.43
N ALA C 209 -4.02 7.60 -27.76
CA ALA C 209 -2.75 7.63 -28.51
C ALA C 209 -1.58 6.94 -27.80
N GLU C 210 -1.43 7.24 -26.51
CA GLU C 210 -0.40 6.65 -25.67
C GLU C 210 -0.58 5.13 -25.62
N THR C 211 -1.80 4.68 -25.34
CA THR C 211 -2.12 3.26 -25.40
C THR C 211 -1.96 2.67 -26.79
N MET C 212 -2.11 3.51 -27.82
CA MET C 212 -1.93 3.05 -29.20
C MET C 212 -0.47 3.01 -29.66
N GLU C 213 0.41 3.72 -28.97
CA GLU C 213 1.84 3.65 -29.24
C GLU C 213 2.27 2.20 -29.23
N LEU C 214 1.98 1.51 -28.13
CA LEU C 214 2.30 0.11 -27.97
C LEU C 214 1.36 -0.67 -28.90
N HIS C 215 1.93 -1.16 -30.00
CA HIS C 215 1.23 -1.60 -31.24
C HIS C 215 1.83 -0.89 -32.46
N ARG D 20 -22.67 16.57 34.61
CA ARG D 20 -22.18 15.16 34.70
C ARG D 20 -21.84 14.61 33.31
N ASP D 21 -20.60 14.16 33.13
CA ASP D 21 -20.14 13.77 31.79
C ASP D 21 -19.73 12.30 31.56
N ALA D 22 -19.90 11.45 32.58
CA ALA D 22 -19.60 10.02 32.46
C ALA D 22 -20.46 9.16 33.39
N LEU D 23 -20.56 7.87 33.05
CA LEU D 23 -21.05 6.84 33.97
C LEU D 23 -20.22 5.58 33.75
N SER D 24 -19.97 4.86 34.84
CA SER D 24 -19.32 3.58 34.76
C SER D 24 -20.29 2.58 34.16
N LEU D 25 -19.75 1.50 33.61
CA LEU D 25 -20.55 0.36 33.24
C LEU D 25 -21.12 -0.33 34.50
N GLU D 26 -20.72 0.12 35.68
CA GLU D 26 -21.36 -0.32 36.91
C GLU D 26 -22.72 0.37 36.99
N GLU D 27 -22.71 1.69 36.83
CA GLU D 27 -23.92 2.51 36.92
C GLU D 27 -24.98 2.16 35.89
N ILE D 28 -24.56 1.73 34.70
CA ILE D 28 -25.48 1.42 33.61
C ILE D 28 -26.17 0.10 33.91
N LEU D 29 -25.43 -0.83 34.50
CA LEU D 29 -25.93 -2.14 34.82
C LEU D 29 -26.82 -2.11 36.06
N ARG D 30 -26.50 -1.22 37.00
CA ARG D 30 -27.31 -1.03 38.21
C ARG D 30 -28.70 -0.56 37.86
N LEU D 31 -28.78 0.67 37.35
CA LEU D 31 -30.06 1.33 37.04
C LEU D 31 -30.99 0.44 36.26
N TYR D 32 -30.63 0.14 35.02
CA TYR D 32 -31.42 -0.75 34.18
C TYR D 32 -31.62 -2.10 34.83
N ASN D 33 -30.70 -2.48 35.72
CA ASN D 33 -30.75 -3.74 36.45
C ASN D 33 -30.95 -4.95 35.53
N GLN D 34 -30.36 -4.84 34.35
CA GLN D 34 -30.35 -5.90 33.35
C GLN D 34 -29.13 -5.70 32.47
N PRO D 35 -28.73 -6.73 31.71
CA PRO D 35 -27.46 -6.65 30.99
C PRO D 35 -27.51 -5.81 29.71
N ILE D 36 -26.32 -5.52 29.20
CA ILE D 36 -26.19 -4.78 27.96
C ILE D 36 -26.55 -5.70 26.82
N ASN D 37 -26.88 -5.13 25.67
CA ASN D 37 -27.15 -5.94 24.49
C ASN D 37 -25.90 -6.20 23.65
N GLU D 38 -26.02 -7.14 22.73
CA GLU D 38 -24.90 -7.50 21.86
C GLU D 38 -24.33 -6.27 21.15
N GLU D 39 -25.17 -5.52 20.44
CA GLU D 39 -24.69 -4.33 19.69
C GLU D 39 -24.05 -3.27 20.60
N GLN D 40 -24.37 -3.31 21.89
CA GLN D 40 -23.69 -2.48 22.88
C GLN D 40 -22.40 -3.13 23.38
N ALA D 41 -22.37 -4.46 23.45
CA ALA D 41 -21.15 -5.19 23.81
C ALA D 41 -19.99 -4.94 22.82
N TRP D 42 -20.30 -4.91 21.53
CA TRP D 42 -19.32 -4.56 20.51
C TRP D 42 -18.83 -3.14 20.79
N ALA D 43 -19.75 -2.19 20.68
CA ALA D 43 -19.43 -0.75 20.79
C ALA D 43 -18.52 -0.39 21.94
N VAL D 44 -18.90 -0.85 23.14
CA VAL D 44 -18.18 -0.57 24.39
C VAL D 44 -16.77 -1.14 24.40
N CYS D 45 -16.65 -2.38 23.93
CA CYS D 45 -15.38 -3.08 23.85
C CYS D 45 -14.40 -2.51 22.77
N TYR D 46 -14.92 -1.95 21.69
CA TYR D 46 -14.11 -1.24 20.71
C TYR D 46 -13.64 0.06 21.34
N GLN D 47 -14.58 0.97 21.55
CA GLN D 47 -14.31 2.30 22.09
C GLN D 47 -13.37 2.27 23.27
N CYS D 48 -13.40 1.17 24.01
CA CYS D 48 -12.53 0.95 25.16
C CYS D 48 -11.06 0.77 24.77
N CYS D 49 -10.83 -0.06 23.75
CA CYS D 49 -9.49 -0.34 23.26
C CYS D 49 -8.88 0.88 22.54
N GLY D 50 -9.75 1.72 21.97
CA GLY D 50 -9.32 2.99 21.40
C GLY D 50 -8.68 3.85 22.47
N SER D 51 -9.40 4.02 23.57
CA SER D 51 -8.88 4.74 24.73
C SER D 51 -7.59 4.10 25.24
N LEU D 52 -7.56 2.77 25.20
CA LEU D 52 -6.41 2.01 25.64
C LEU D 52 -5.15 2.19 24.76
N ARG D 53 -5.23 1.78 23.48
CA ARG D 53 -4.17 2.03 22.50
C ARG D 53 -3.75 3.49 22.62
N ALA D 54 -4.71 4.40 22.45
CA ALA D 54 -4.48 5.85 22.50
C ALA D 54 -3.69 6.33 23.73
N ALA D 55 -3.64 5.51 24.78
CA ALA D 55 -2.87 5.83 25.99
C ALA D 55 -1.58 5.01 26.10
N ALA D 56 -1.55 3.85 25.43
CA ALA D 56 -0.33 3.03 25.29
C ALA D 56 0.75 3.87 24.61
N ARG D 57 0.31 4.59 23.59
CA ARG D 57 1.15 5.47 22.81
C ARG D 57 1.53 6.73 23.56
N ARG D 58 0.74 7.10 24.55
CA ARG D 58 1.14 8.17 25.48
C ARG D 58 2.08 7.63 26.56
N ARG D 59 2.40 6.34 26.46
CA ARG D 59 3.20 5.60 27.43
C ARG D 59 2.68 5.77 28.86
N GLN D 60 1.43 5.38 29.05
CA GLN D 60 0.75 5.50 30.34
C GLN D 60 0.65 4.15 31.05
N PRO D 61 0.84 4.15 32.38
CA PRO D 61 0.77 2.92 33.19
C PRO D 61 -0.45 2.10 32.80
N ARG D 62 -0.21 0.81 32.56
CA ARG D 62 -1.28 -0.14 32.19
C ARG D 62 -2.08 -0.63 33.40
N HIS D 63 -3.41 -0.43 33.34
CA HIS D 63 -4.33 -0.82 34.42
C HIS D 63 -5.11 -2.05 33.99
N ARG D 64 -5.27 -3.00 34.90
CA ARG D 64 -6.03 -4.21 34.64
C ARG D 64 -7.51 -3.97 34.99
N VAL D 65 -8.42 -4.41 34.12
CA VAL D 65 -9.86 -4.17 34.36
C VAL D 65 -10.39 -5.10 35.46
N ARG D 66 -10.64 -4.51 36.64
CA ARG D 66 -11.04 -5.25 37.83
C ARG D 66 -12.54 -5.46 37.87
N SER D 67 -13.28 -4.36 37.75
CA SER D 67 -14.72 -4.42 37.72
C SER D 67 -15.26 -3.32 36.82
N ALA D 68 -16.51 -3.52 36.40
CA ALA D 68 -17.12 -2.61 35.42
C ALA D 68 -17.25 -1.19 35.96
N ALA D 69 -16.76 -0.96 37.19
CA ALA D 69 -16.73 0.37 37.76
C ALA D 69 -15.78 1.24 36.98
N GLN D 70 -14.68 0.64 36.53
CA GLN D 70 -13.61 1.35 35.84
C GLN D 70 -13.89 1.69 34.38
N ILE D 71 -14.77 0.91 33.74
CA ILE D 71 -15.11 1.17 32.34
C ILE D 71 -16.06 2.36 32.28
N ARG D 72 -15.54 3.49 31.81
CA ARG D 72 -16.24 4.77 31.89
C ARG D 72 -16.81 5.07 30.53
N VAL D 73 -18.11 5.36 30.48
CA VAL D 73 -18.74 5.81 29.23
C VAL D 73 -19.13 7.28 29.32
N TRP D 74 -18.41 8.10 28.56
CA TRP D 74 -18.54 9.56 28.60
C TRP D 74 -19.67 10.08 27.73
N ARG D 75 -20.05 11.33 27.95
CA ARG D 75 -21.24 11.93 27.32
C ARG D 75 -21.31 11.71 25.81
N ASP D 76 -20.21 11.94 25.11
CA ASP D 76 -20.22 11.86 23.67
C ASP D 76 -19.83 10.50 23.07
N GLY D 77 -19.92 9.44 23.87
CA GLY D 77 -19.60 8.10 23.37
C GLY D 77 -18.17 7.61 23.54
N ALA D 78 -17.35 8.38 24.26
CA ALA D 78 -16.00 7.94 24.63
C ALA D 78 -16.09 6.82 25.66
N VAL D 79 -15.30 5.77 25.48
CA VAL D 79 -15.20 4.68 26.47
C VAL D 79 -13.77 4.56 27.05
N THR D 80 -13.47 5.40 28.04
CA THR D 80 -12.18 5.39 28.72
C THR D 80 -12.13 4.35 29.87
N LEU D 81 -10.93 4.07 30.36
CA LEU D 81 -10.72 3.00 31.35
C LEU D 81 -9.96 3.39 32.64
N ALA D 82 -10.72 3.70 33.70
CA ALA D 82 -10.18 4.27 34.94
C ALA D 82 -9.19 3.38 35.69
N PRO D 83 -8.39 3.96 36.61
CA PRO D 83 -7.60 3.15 37.54
C PRO D 83 -8.52 2.61 38.63
N ALA D 84 -8.20 1.42 39.15
CA ALA D 84 -9.08 0.71 40.09
C ALA D 84 -9.14 1.34 41.49
N GLN D 102 4.64 -2.39 34.19
CA GLN D 102 4.84 -3.67 34.87
C GLN D 102 3.59 -4.56 34.82
N CYS D 103 3.04 -4.75 33.62
CA CYS D 103 1.92 -5.67 33.36
C CYS D 103 1.70 -5.84 31.87
N MET D 104 1.36 -7.06 31.44
CA MET D 104 1.28 -7.38 30.02
C MET D 104 0.09 -6.71 29.36
N GLU D 105 0.31 -6.25 28.14
CA GLU D 105 -0.73 -5.67 27.30
C GLU D 105 -1.81 -6.71 27.01
N THR D 106 -1.43 -7.99 27.08
CA THR D 106 -2.33 -9.11 26.85
C THR D 106 -3.30 -9.31 28.02
N GLU D 107 -2.78 -9.21 29.24
CA GLU D 107 -3.55 -9.41 30.47
C GLU D 107 -4.61 -8.34 30.68
N VAL D 108 -4.33 -7.12 30.23
CA VAL D 108 -5.33 -6.04 30.18
C VAL D 108 -6.52 -6.55 29.38
N ILE D 109 -6.31 -6.70 28.07
CA ILE D 109 -7.31 -7.21 27.12
C ILE D 109 -8.11 -8.42 27.62
N GLU D 110 -7.43 -9.35 28.30
CA GLU D 110 -8.06 -10.53 28.92
C GLU D 110 -9.11 -10.16 29.96
N SER D 111 -8.76 -9.26 30.87
CA SER D 111 -9.66 -8.89 31.96
C SER D 111 -10.93 -8.24 31.41
N LEU D 112 -10.76 -7.37 30.42
CA LEU D 112 -11.86 -6.75 29.69
C LEU D 112 -12.85 -7.80 29.20
N GLY D 113 -12.31 -8.92 28.73
CA GLY D 113 -13.11 -10.08 28.32
C GLY D 113 -14.04 -10.50 29.43
N ILE D 114 -13.46 -10.86 30.58
CA ILE D 114 -14.24 -11.30 31.75
C ILE D 114 -15.35 -10.30 32.10
N ILE D 115 -15.03 -9.01 32.02
CA ILE D 115 -15.97 -7.96 32.43
C ILE D 115 -17.07 -7.72 31.40
N ILE D 116 -16.71 -7.75 30.12
CA ILE D 116 -17.70 -7.68 29.04
C ILE D 116 -18.62 -8.90 29.08
N TYR D 117 -18.06 -10.05 29.47
CA TYR D 117 -18.87 -11.22 29.76
C TYR D 117 -19.86 -10.85 30.86
N LYS D 118 -19.33 -10.59 32.07
CA LYS D 118 -20.15 -10.24 33.22
C LYS D 118 -21.20 -9.16 32.92
N ALA D 119 -20.83 -8.22 32.05
CA ALA D 119 -21.75 -7.18 31.60
C ALA D 119 -22.94 -7.74 30.82
N LEU D 120 -22.71 -8.82 30.09
CA LEU D 120 -23.75 -9.45 29.30
C LEU D 120 -24.43 -10.51 30.13
N ASP D 121 -23.73 -11.02 31.13
CA ASP D 121 -24.25 -12.05 32.02
C ASP D 121 -24.78 -11.41 33.31
N TYR D 122 -25.42 -10.25 33.17
CA TYR D 122 -25.98 -9.55 34.32
C TYR D 122 -27.37 -10.06 34.61
N GLY D 123 -27.64 -10.28 35.89
CA GLY D 123 -28.96 -10.72 36.35
C GLY D 123 -29.33 -12.15 36.03
N LEU D 124 -28.43 -12.90 35.41
CA LEU D 124 -28.62 -14.34 35.22
C LEU D 124 -28.03 -15.09 36.39
N LYS D 125 -28.59 -16.27 36.69
CA LYS D 125 -28.09 -17.11 37.77
C LYS D 125 -26.91 -17.97 37.27
N GLU D 126 -26.57 -19.02 38.01
CA GLU D 126 -25.42 -19.87 37.66
C GLU D 126 -25.75 -20.87 36.55
N ASN D 127 -26.83 -21.62 36.78
CA ASN D 127 -27.34 -22.64 35.86
C ASN D 127 -27.55 -22.17 34.42
N GLU D 128 -27.77 -20.86 34.25
CA GLU D 128 -28.07 -20.27 32.94
C GLU D 128 -26.92 -19.45 32.37
N GLU D 129 -26.65 -19.70 31.10
CA GLU D 129 -25.74 -18.89 30.31
C GLU D 129 -26.52 -18.26 29.16
N ARG D 130 -26.01 -17.14 28.67
CA ARG D 130 -26.61 -16.44 27.55
C ARG D 130 -26.07 -17.01 26.25
N GLU D 131 -26.99 -17.41 25.37
CA GLU D 131 -26.63 -17.89 24.05
C GLU D 131 -26.36 -16.71 23.12
N LEU D 132 -25.14 -16.63 22.61
CA LEU D 132 -24.73 -15.53 21.75
C LEU D 132 -24.49 -15.94 20.31
N SER D 133 -24.51 -14.95 19.42
CA SER D 133 -24.24 -15.14 17.99
C SER D 133 -22.83 -15.69 17.75
N PRO D 134 -22.62 -16.37 16.61
CA PRO D 134 -21.29 -16.87 16.26
C PRO D 134 -20.17 -15.80 16.19
N PRO D 135 -20.43 -14.60 15.59
CA PRO D 135 -19.37 -13.59 15.57
C PRO D 135 -18.93 -13.05 16.95
N LEU D 136 -19.87 -12.87 17.87
CA LEU D 136 -19.58 -12.31 19.18
C LEU D 136 -18.98 -13.34 20.14
N GLU D 137 -19.44 -14.58 20.02
CA GLU D 137 -19.02 -15.69 20.88
C GLU D 137 -17.50 -15.89 20.81
N GLN D 138 -16.96 -15.78 19.60
CA GLN D 138 -15.52 -15.89 19.35
C GLN D 138 -14.74 -14.80 20.10
N LEU D 139 -15.25 -13.56 20.01
CA LEU D 139 -14.60 -12.39 20.61
C LEU D 139 -14.32 -12.57 22.10
N ILE D 140 -15.29 -13.12 22.82
CA ILE D 140 -15.14 -13.41 24.25
C ILE D 140 -14.03 -14.43 24.52
N ASP D 141 -14.09 -15.56 23.82
CA ASP D 141 -13.12 -16.64 24.01
C ASP D 141 -11.71 -16.24 23.59
N HIS D 142 -11.62 -15.49 22.48
CA HIS D 142 -10.37 -14.87 22.01
C HIS D 142 -9.73 -14.03 23.12
N MET D 143 -10.58 -13.36 23.89
CA MET D 143 -10.16 -12.43 24.94
C MET D 143 -10.08 -13.08 26.32
N ALA D 144 -9.85 -14.40 26.36
CA ALA D 144 -9.71 -15.13 27.61
C ALA D 144 -8.47 -16.04 27.62
N ASN D 145 -7.77 -16.10 26.48
CA ASN D 145 -6.71 -17.08 26.23
C ASN D 145 -7.24 -18.51 26.39
N ALA D 175 -5.27 -15.00 17.65
CA ALA D 175 -4.00 -14.47 18.12
C ALA D 175 -4.05 -12.94 18.24
N ILE D 176 -4.76 -12.46 19.26
CA ILE D 176 -4.82 -11.03 19.55
C ILE D 176 -3.80 -10.68 20.63
N ARG D 177 -2.94 -9.71 20.34
CA ARG D 177 -1.93 -9.25 21.30
C ARG D 177 -1.65 -7.74 21.29
N SER D 178 -2.56 -6.98 20.67
CA SER D 178 -2.55 -5.53 20.82
C SER D 178 -3.99 -5.02 20.88
N TYR D 179 -4.17 -3.84 21.45
CA TYR D 179 -5.49 -3.20 21.49
C TYR D 179 -6.00 -2.95 20.06
N ARG D 180 -5.07 -2.81 19.11
CA ARG D 180 -5.39 -2.62 17.69
C ARG D 180 -5.91 -3.91 17.03
N ASP D 181 -5.45 -5.07 17.52
CA ASP D 181 -5.88 -6.39 17.02
C ASP D 181 -7.36 -6.61 17.27
N VAL D 182 -7.79 -6.36 18.52
CA VAL D 182 -9.19 -6.41 18.89
C VAL D 182 -10.00 -5.29 18.25
N MET D 183 -9.43 -4.09 18.19
CA MET D 183 -10.13 -2.91 17.62
C MET D 183 -10.51 -3.00 16.14
N LYS D 184 -9.83 -3.87 15.40
CA LYS D 184 -10.14 -4.12 13.99
C LYS D 184 -11.04 -5.35 13.83
N LEU D 185 -11.18 -6.11 14.92
CA LEU D 185 -12.15 -7.20 15.02
C LEU D 185 -13.55 -6.63 15.23
N CYS D 186 -13.64 -5.55 16.01
CA CYS D 186 -14.90 -4.85 16.27
C CYS D 186 -15.37 -4.10 15.03
N ALA D 187 -14.41 -3.63 14.25
CA ALA D 187 -14.70 -2.94 12.99
C ALA D 187 -15.22 -3.92 11.93
N ALA D 188 -14.80 -5.18 12.04
CA ALA D 188 -15.15 -6.20 11.05
C ALA D 188 -16.59 -6.69 11.19
N HIS D 189 -17.11 -6.63 12.42
CA HIS D 189 -18.51 -7.00 12.73
C HIS D 189 -19.57 -6.19 11.97
N LEU D 190 -19.11 -5.15 11.27
CA LEU D 190 -19.99 -4.27 10.52
C LEU D 190 -20.03 -4.62 9.02
N PRO D 191 -21.20 -4.34 8.37
CA PRO D 191 -21.34 -4.51 6.91
C PRO D 191 -20.28 -3.72 6.13
N THR D 192 -19.93 -2.53 6.62
CA THR D 192 -18.77 -1.78 6.12
C THR D 192 -17.76 -1.62 7.25
N GLU D 193 -16.55 -2.13 7.01
CA GLU D 193 -15.48 -2.06 7.99
C GLU D 193 -15.12 -0.61 8.38
N SER D 194 -15.21 0.32 7.42
CA SER D 194 -14.62 1.66 7.51
C SER D 194 -15.30 2.75 8.40
N ASP D 195 -16.41 2.44 9.07
CA ASP D 195 -17.10 3.44 9.91
C ASP D 195 -17.44 3.00 11.34
N ALA D 196 -16.66 2.06 11.86
CA ALA D 196 -16.69 1.66 13.27
C ALA D 196 -16.49 2.85 14.22
N PRO D 197 -15.55 3.77 13.92
CA PRO D 197 -15.37 4.95 14.79
C PRO D 197 -16.64 5.77 14.99
N ASN D 198 -17.36 6.03 13.90
CA ASN D 198 -18.58 6.85 13.94
C ASN D 198 -19.79 6.08 14.44
N HIS D 199 -19.88 4.80 14.04
CA HIS D 199 -20.97 3.93 14.47
C HIS D 199 -20.96 3.66 15.97
N TYR D 200 -19.84 3.14 16.48
CA TYR D 200 -19.72 2.84 17.90
C TYR D 200 -19.63 4.10 18.76
N GLN D 201 -19.21 5.21 18.16
CA GLN D 201 -19.37 6.52 18.78
C GLN D 201 -20.81 6.77 19.22
N ALA D 202 -21.74 6.67 18.25
CA ALA D 202 -23.19 6.91 18.43
C ALA D 202 -23.95 5.82 19.20
N VAL D 203 -23.49 4.57 19.13
CA VAL D 203 -24.04 3.45 19.91
C VAL D 203 -23.84 3.75 21.39
N CYS D 204 -22.61 4.07 21.74
CA CYS D 204 -22.30 4.43 23.08
C CYS D 204 -22.99 5.73 23.44
N ARG D 205 -22.92 6.73 22.54
CA ARG D 205 -23.54 8.03 22.81
C ARG D 205 -25.02 7.87 23.14
N ALA D 206 -25.65 6.88 22.53
CA ALA D 206 -27.03 6.52 22.87
C ALA D 206 -27.12 5.88 24.26
N LEU D 207 -26.35 4.80 24.46
CA LEU D 207 -26.24 4.11 25.76
C LEU D 207 -25.90 5.04 26.92
N PHE D 208 -25.38 6.22 26.61
CA PHE D 208 -25.28 7.26 27.61
C PHE D 208 -26.62 7.94 27.84
N ALA D 209 -27.23 8.41 26.74
CA ALA D 209 -28.51 9.15 26.80
C ALA D 209 -29.66 8.35 27.40
N GLU D 210 -29.79 7.11 26.96
CA GLU D 210 -30.83 6.20 27.44
C GLU D 210 -30.64 5.96 28.92
N THR D 211 -29.42 5.64 29.33
CA THR D 211 -29.09 5.51 30.75
C THR D 211 -29.27 6.84 31.49
N MET D 212 -29.11 7.94 30.79
CA MET D 212 -29.29 9.26 31.41
C MET D 212 -30.74 9.71 31.55
N GLU D 213 -31.63 9.10 30.78
CA GLU D 213 -33.05 9.39 30.89
C GLU D 213 -33.47 9.23 32.33
N LEU D 214 -33.14 8.06 32.87
CA LEU D 214 -33.44 7.69 34.25
C LEU D 214 -32.61 8.51 35.26
#